data_1WB0
#
_entry.id   1WB0
#
_cell.length_a   48.286
_cell.length_b   53.725
_cell.length_c   134.645
_cell.angle_alpha   90.00
_cell.angle_beta   90.00
_cell.angle_gamma   90.00
#
_symmetry.space_group_name_H-M   'P 21 21 21'
#
loop_
_entity.id
_entity.type
_entity.pdbx_description
1 polymer 'CHITOTRIOSIDASE 1'
2 polymer ARGIFIN
3 non-polymer 'ISOPROPYL ALCOHOL'
4 non-polymer 'SULFATE ION'
5 non-polymer GLYCEROL
6 water water
#
loop_
_entity_poly.entity_id
_entity_poly.type
_entity_poly.pdbx_seq_one_letter_code
_entity_poly.pdbx_strand_id
1 'polypeptide(L)'
;AKLVCYFTNWAQYRQGEARFLPKDLDPSLCTHLIYAFAGMTNHQLSTTEWNDETLYQEFNGLKKMNPKLKTLLAIGGWNF
GTQKFTDMVATANNRQTFVNSAIRFLRKYSFDGLDLDWEYPGSQGSPAVDKERFTTLVQDLANAFQQEAQTSGKERLLLS
AAVPAGQTYVDAGYEVDKIAQNLDFVNLMAYDFHGSWEKVTGHNSPLYKRQEESGAAASLNVDAAVQQWLQKGTPASKLI
LGMPTYGRSFTLASSSDTRVGAPATGSGTPGPFTKEGGMLAYYEVCSWKGATKQRIQDQKVPYIFRDNQWVGFDDVESFK
TKVSYLKQKGLGGAMVWALDLDDFAGFSCNQGRYPLIQTLRQELSLPYLPSGTPELEVPKPGQPSEPEHGPSPGQDTFCQ
GKADGLYPNPRERSSFYSCAAGRLFQQSCPTGLVFSNSCKCCTWN
;
A
2 'polypeptide(L)' (VR0)(MEA)(IAS)(IAS)(DAL) B
#
# COMPACT_ATOMS: atom_id res chain seq x y z
N ALA A 1 3.20 13.96 11.81
CA ALA A 1 2.83 12.59 11.36
C ALA A 1 3.23 12.43 9.90
N LYS A 2 3.47 11.19 9.48
CA LYS A 2 3.84 10.95 8.10
C LYS A 2 2.59 10.71 7.25
N LEU A 3 2.63 11.12 5.98
CA LEU A 3 1.57 10.80 5.03
C LEU A 3 2.39 10.23 3.89
N VAL A 4 2.40 8.90 3.81
CA VAL A 4 3.20 8.17 2.82
C VAL A 4 2.32 7.78 1.64
N CYS A 5 2.67 8.25 0.45
CA CYS A 5 1.82 7.98 -0.72
C CYS A 5 2.50 7.22 -1.83
N TYR A 6 1.84 6.17 -2.33
CA TYR A 6 2.41 5.42 -3.44
C TYR A 6 1.99 5.96 -4.82
N PHE A 7 2.99 6.06 -5.70
CA PHE A 7 2.81 6.44 -7.10
C PHE A 7 3.03 5.08 -7.80
N THR A 8 2.25 4.78 -8.83
CA THR A 8 2.45 3.52 -9.57
C THR A 8 2.85 3.88 -11.00
N ASN A 9 3.86 3.19 -11.52
CA ASN A 9 4.35 3.52 -12.85
C ASN A 9 3.63 2.92 -14.04
N TRP A 10 2.47 2.30 -13.79
CA TRP A 10 1.64 1.79 -14.89
C TRP A 10 0.35 2.62 -15.01
N ALA A 11 0.14 3.57 -14.08
CA ALA A 11 -1.06 4.41 -14.18
C ALA A 11 -1.00 5.35 -15.41
N GLN A 12 0.21 5.56 -15.92
CA GLN A 12 0.43 6.40 -17.11
C GLN A 12 -0.19 5.78 -18.35
N TYR A 13 -0.59 4.51 -18.24
CA TYR A 13 -1.18 3.78 -19.37
C TYR A 13 -2.68 3.75 -19.43
N ARG A 14 -3.33 4.32 -18.42
CA ARG A 14 -4.79 4.33 -18.43
C ARG A 14 -5.25 5.41 -19.40
N GLN A 15 -6.49 5.28 -19.85
CA GLN A 15 -7.07 6.19 -20.83
C GLN A 15 -7.77 7.41 -20.28
N GLY A 16 -7.78 8.45 -21.09
CA GLY A 16 -8.47 9.69 -20.73
C GLY A 16 -8.12 10.31 -19.40
N GLU A 17 -9.16 10.68 -18.67
CA GLU A 17 -9.02 11.34 -17.37
C GLU A 17 -8.29 10.47 -16.35
N ALA A 18 -8.29 9.16 -16.59
CA ALA A 18 -7.65 8.22 -15.66
C ALA A 18 -6.13 8.19 -15.79
N ARG A 19 -5.59 8.69 -16.90
CA ARG A 19 -4.15 8.68 -17.08
C ARG A 19 -3.44 9.51 -16.02
N PHE A 20 -2.46 8.90 -15.35
CA PHE A 20 -1.70 9.58 -14.31
C PHE A 20 -0.22 9.72 -14.66
N LEU A 21 0.27 10.95 -14.67
CA LEU A 21 1.66 11.22 -14.97
C LEU A 21 2.26 12.06 -13.84
N PRO A 22 3.59 12.04 -13.66
CA PRO A 22 4.19 12.84 -12.59
C PRO A 22 3.65 14.28 -12.54
N LYS A 23 3.13 14.76 -13.67
CA LYS A 23 2.57 16.11 -13.75
C LYS A 23 1.32 16.23 -12.86
N ASP A 24 0.74 15.08 -12.51
CA ASP A 24 -0.44 15.06 -11.66
C ASP A 24 -0.04 14.97 -10.20
N LEU A 25 1.25 14.96 -9.92
CA LEU A 25 1.73 14.89 -8.56
C LEU A 25 1.75 16.26 -7.89
N ASP A 26 1.27 16.30 -6.66
CA ASP A 26 1.22 17.52 -5.86
C ASP A 26 2.42 17.39 -4.91
N PRO A 27 3.41 18.29 -5.03
CA PRO A 27 4.60 18.26 -4.19
C PRO A 27 4.38 18.39 -2.69
N SER A 28 3.26 19.02 -2.31
CA SER A 28 2.99 19.24 -0.88
C SER A 28 1.85 18.41 -0.30
N LEU A 29 1.32 17.49 -1.09
CA LEU A 29 0.22 16.65 -0.64
C LEU A 29 0.65 15.66 0.44
N CYS A 30 1.74 14.95 0.17
CA CYS A 30 2.25 13.93 1.09
C CYS A 30 3.61 14.32 1.64
N THR A 31 4.04 13.65 2.71
CA THR A 31 5.35 13.92 3.29
C THR A 31 6.38 12.99 2.66
N HIS A 32 5.93 11.81 2.24
CA HIS A 32 6.82 10.82 1.62
C HIS A 32 6.15 10.26 0.40
N LEU A 33 6.83 10.26 -0.74
CA LEU A 33 6.26 9.70 -1.97
C LEU A 33 7.08 8.46 -2.27
N ILE A 34 6.41 7.34 -2.54
CA ILE A 34 7.09 6.10 -2.85
C ILE A 34 6.77 5.68 -4.27
N TYR A 35 7.82 5.41 -5.03
CA TYR A 35 7.68 5.03 -6.43
C TYR A 35 7.53 3.53 -6.59
N ALA A 36 6.36 3.07 -7.05
CA ALA A 36 6.13 1.63 -7.26
C ALA A 36 6.11 1.34 -8.77
N PHE A 37 6.96 0.44 -9.27
CA PHE A 37 7.93 -0.38 -8.53
C PHE A 37 9.22 -0.55 -9.30
N ALA A 38 10.28 -0.92 -8.58
CA ALA A 38 11.54 -1.25 -9.20
C ALA A 38 11.56 -2.78 -9.13
N GLY A 39 12.44 -3.41 -9.91
CA GLY A 39 12.57 -4.85 -9.91
C GLY A 39 14.05 -5.17 -9.72
N MET A 40 14.48 -6.32 -10.22
CA MET A 40 15.90 -6.70 -10.10
C MET A 40 16.33 -7.47 -11.31
N THR A 41 17.60 -7.31 -11.64
CA THR A 41 18.20 -8.01 -12.76
C THR A 41 19.57 -8.44 -12.24
N ASN A 42 19.84 -9.74 -12.23
CA ASN A 42 21.13 -10.24 -11.74
C ASN A 42 21.40 -9.76 -10.33
N HIS A 43 20.34 -9.77 -9.51
CA HIS A 43 20.42 -9.35 -8.10
C HIS A 43 20.73 -7.87 -7.88
N GLN A 44 20.54 -7.05 -8.91
CA GLN A 44 20.76 -5.62 -8.80
C GLN A 44 19.46 -4.87 -9.08
N LEU A 45 19.25 -3.78 -8.34
CA LEU A 45 18.06 -2.95 -8.49
C LEU A 45 17.95 -2.47 -9.95
N SER A 46 16.74 -2.55 -10.52
CA SER A 46 16.53 -2.12 -11.90
C SER A 46 15.13 -1.58 -12.14
N THR A 47 14.96 -0.91 -13.26
CA THR A 47 13.67 -0.31 -13.60
C THR A 47 12.73 -1.40 -14.14
N THR A 48 11.44 -1.09 -14.17
CA THR A 48 10.44 -2.04 -14.68
C THR A 48 9.64 -1.50 -15.85
N GLU A 49 9.67 -0.20 -16.08
CA GLU A 49 8.97 0.37 -17.23
C GLU A 49 10.00 1.09 -18.10
N TRP A 50 9.80 1.04 -19.42
CA TRP A 50 10.79 1.63 -20.33
C TRP A 50 11.18 3.08 -20.12
N ASN A 51 10.28 3.90 -19.55
CA ASN A 51 10.57 5.31 -19.31
C ASN A 51 10.78 5.66 -17.84
N ASP A 52 11.04 4.68 -16.99
CA ASP A 52 11.23 4.98 -15.56
C ASP A 52 12.26 6.06 -15.25
N GLU A 53 13.42 6.02 -15.90
CA GLU A 53 14.47 6.98 -15.60
C GLU A 53 13.99 8.40 -15.82
N THR A 54 13.19 8.61 -16.86
CA THR A 54 12.66 9.93 -17.13
C THR A 54 11.67 10.29 -16.01
N LEU A 55 10.82 9.33 -15.64
CA LEU A 55 9.85 9.59 -14.59
C LEU A 55 10.55 9.81 -13.25
N TYR A 56 11.67 9.12 -13.00
CA TYR A 56 12.39 9.31 -11.73
C TYR A 56 12.84 10.76 -11.59
N GLN A 57 13.34 11.32 -12.69
CA GLN A 57 13.82 12.70 -12.65
C GLN A 57 12.67 13.64 -12.30
N GLU A 58 11.52 13.43 -12.92
CA GLU A 58 10.36 14.28 -12.67
C GLU A 58 9.85 14.11 -11.24
N PHE A 59 9.87 12.86 -10.78
CA PHE A 59 9.41 12.48 -9.44
C PHE A 59 10.28 13.11 -8.36
N ASN A 60 11.58 12.91 -8.46
CA ASN A 60 12.47 13.45 -7.45
C ASN A 60 12.66 14.94 -7.65
N GLY A 61 12.28 15.42 -8.83
CA GLY A 61 12.38 16.83 -9.13
C GLY A 61 11.36 17.62 -8.33
N LEU A 62 10.35 16.93 -7.81
CA LEU A 62 9.34 17.62 -7.01
C LEU A 62 9.97 18.22 -5.75
N LYS A 63 11.09 17.67 -5.32
CA LYS A 63 11.76 18.16 -4.12
C LYS A 63 12.31 19.56 -4.29
N LYS A 64 12.33 20.06 -5.52
CA LYS A 64 12.80 21.42 -5.72
C LYS A 64 11.66 22.36 -5.35
N MET A 65 10.43 21.87 -5.42
CA MET A 65 9.25 22.68 -5.09
C MET A 65 8.96 22.57 -3.58
N ASN A 66 9.24 21.40 -3.01
CA ASN A 66 9.01 21.18 -1.60
C ASN A 66 10.25 20.49 -1.04
N PRO A 67 11.21 21.27 -0.51
CA PRO A 67 12.46 20.74 0.04
C PRO A 67 12.33 19.74 1.19
N LYS A 68 11.20 19.76 1.89
CA LYS A 68 10.99 18.82 3.00
C LYS A 68 10.51 17.45 2.52
N LEU A 69 10.04 17.39 1.28
CA LEU A 69 9.55 16.13 0.72
C LEU A 69 10.64 15.07 0.61
N LYS A 70 10.32 13.84 1.00
CA LYS A 70 11.26 12.72 0.90
C LYS A 70 10.66 11.70 -0.08
N THR A 71 11.52 11.06 -0.87
CA THR A 71 11.05 10.05 -1.81
C THR A 71 11.74 8.72 -1.55
N LEU A 72 11.05 7.64 -1.89
CA LEU A 72 11.64 6.31 -1.77
C LEU A 72 11.24 5.53 -3.00
N LEU A 73 12.02 4.51 -3.30
CA LEU A 73 11.73 3.65 -4.44
C LEU A 73 11.32 2.30 -3.86
N ALA A 74 10.15 1.78 -4.25
CA ALA A 74 9.70 0.48 -3.74
C ALA A 74 10.12 -0.64 -4.67
N ILE A 75 10.69 -1.70 -4.10
CA ILE A 75 11.06 -2.84 -4.93
C ILE A 75 10.09 -3.97 -4.68
N GLY A 76 9.56 -4.54 -5.76
CA GLY A 76 8.65 -5.66 -5.62
C GLY A 76 7.22 -5.49 -6.08
N GLY A 77 6.28 -5.69 -5.16
CA GLY A 77 4.87 -5.60 -5.50
C GLY A 77 4.35 -7.00 -5.78
N TRP A 78 3.04 -7.13 -5.89
CA TRP A 78 2.41 -8.43 -6.10
C TRP A 78 2.83 -9.15 -7.38
N ASN A 79 2.80 -8.43 -8.49
CA ASN A 79 3.13 -9.04 -9.79
C ASN A 79 4.57 -9.49 -9.91
N PHE A 80 5.46 -8.89 -9.13
CA PHE A 80 6.87 -9.22 -9.17
C PHE A 80 7.11 -10.64 -8.67
N GLY A 81 6.23 -11.13 -7.82
CA GLY A 81 6.39 -12.48 -7.32
C GLY A 81 7.45 -12.62 -6.24
N THR A 82 7.84 -13.86 -5.98
CA THR A 82 8.79 -14.16 -4.93
C THR A 82 10.12 -14.75 -5.37
N GLN A 83 10.16 -15.39 -6.54
CA GLN A 83 11.38 -16.07 -6.94
C GLN A 83 12.65 -15.24 -6.96
N LYS A 84 12.57 -14.03 -7.52
CA LYS A 84 13.76 -13.18 -7.60
C LYS A 84 14.23 -12.77 -6.21
N PHE A 85 13.28 -12.52 -5.30
CA PHE A 85 13.67 -12.18 -3.94
C PHE A 85 14.31 -13.39 -3.28
N THR A 86 13.71 -14.57 -3.44
CA THR A 86 14.27 -15.79 -2.83
C THR A 86 15.69 -16.04 -3.32
N ASP A 87 15.90 -15.89 -4.62
CA ASP A 87 17.22 -16.13 -5.16
C ASP A 87 18.26 -15.13 -4.68
N MET A 88 17.83 -13.89 -4.45
CA MET A 88 18.75 -12.86 -4.03
C MET A 88 19.12 -12.99 -2.56
N VAL A 89 18.14 -13.36 -1.71
CA VAL A 89 18.48 -13.48 -0.29
C VAL A 89 19.11 -14.83 0.08
N ALA A 90 19.16 -15.75 -0.88
CA ALA A 90 19.71 -17.07 -0.62
C ALA A 90 21.15 -17.12 -0.16
N THR A 91 21.97 -16.20 -0.62
CA THR A 91 23.38 -16.23 -0.26
C THR A 91 23.93 -14.88 0.15
N ALA A 92 24.98 -14.90 0.96
CA ALA A 92 25.60 -13.66 1.37
C ALA A 92 26.10 -12.86 0.17
N ASN A 93 26.62 -13.54 -0.86
CA ASN A 93 27.11 -12.82 -2.05
C ASN A 93 25.98 -12.12 -2.78
N ASN A 94 24.84 -12.79 -2.94
CA ASN A 94 23.73 -12.17 -3.67
C ASN A 94 23.15 -11.02 -2.84
N ARG A 95 23.11 -11.16 -1.51
CA ARG A 95 22.61 -10.07 -0.68
C ARG A 95 23.54 -8.87 -0.79
N GLN A 96 24.84 -9.13 -0.84
CA GLN A 96 25.83 -8.07 -0.95
C GLN A 96 25.71 -7.33 -2.29
N THR A 97 25.58 -8.09 -3.36
CA THR A 97 25.41 -7.53 -4.68
C THR A 97 24.20 -6.60 -4.68
N PHE A 98 23.09 -7.08 -4.12
CA PHE A 98 21.88 -6.28 -4.09
C PHE A 98 22.02 -5.02 -3.25
N VAL A 99 22.57 -5.15 -2.05
CA VAL A 99 22.69 -4.01 -1.15
C VAL A 99 23.58 -2.91 -1.75
N ASN A 100 24.73 -3.31 -2.28
CA ASN A 100 25.64 -2.33 -2.89
C ASN A 100 24.97 -1.65 -4.09
N SER A 101 24.24 -2.44 -4.89
CA SER A 101 23.57 -1.88 -6.07
C SER A 101 22.48 -0.90 -5.66
N ALA A 102 21.81 -1.18 -4.55
CA ALA A 102 20.73 -0.31 -4.10
C ALA A 102 21.25 1.06 -3.69
N ILE A 103 22.33 1.12 -2.92
CA ILE A 103 22.86 2.41 -2.53
C ILE A 103 23.21 3.22 -3.77
N ARG A 104 23.95 2.61 -4.69
CA ARG A 104 24.36 3.31 -5.90
C ARG A 104 23.17 3.82 -6.75
N PHE A 105 22.17 2.96 -6.92
CA PHE A 105 20.98 3.28 -7.71
C PHE A 105 20.16 4.41 -7.05
N LEU A 106 19.96 4.33 -5.74
CA LEU A 106 19.19 5.33 -5.04
C LEU A 106 19.87 6.68 -5.11
N ARG A 107 21.20 6.70 -4.90
CA ARG A 107 21.96 7.95 -4.98
C ARG A 107 21.98 8.50 -6.40
N LYS A 108 22.11 7.62 -7.38
CA LYS A 108 22.14 8.05 -8.77
C LYS A 108 20.90 8.82 -9.18
N TYR A 109 19.73 8.30 -8.81
CA TYR A 109 18.48 8.93 -9.20
C TYR A 109 17.84 9.86 -8.18
N SER A 110 18.59 10.15 -7.12
CA SER A 110 18.17 11.04 -6.06
C SER A 110 16.96 10.59 -5.26
N PHE A 111 16.90 9.31 -4.91
CA PHE A 111 15.82 8.81 -4.06
C PHE A 111 16.37 8.91 -2.64
N ASP A 112 15.50 9.14 -1.65
CA ASP A 112 15.92 9.24 -0.28
C ASP A 112 15.85 7.93 0.48
N GLY A 113 15.38 6.88 -0.17
CA GLY A 113 15.32 5.61 0.52
C GLY A 113 14.74 4.48 -0.30
N LEU A 114 14.67 3.29 0.32
CA LEU A 114 14.16 2.08 -0.32
C LEU A 114 12.99 1.51 0.47
N ASP A 115 11.92 1.12 -0.22
CA ASP A 115 10.76 0.49 0.42
C ASP A 115 10.73 -0.97 -0.06
N LEU A 116 10.88 -1.92 0.87
CA LEU A 116 10.86 -3.33 0.49
C LEU A 116 9.41 -3.81 0.41
N ASP A 117 9.00 -4.28 -0.77
CA ASP A 117 7.62 -4.78 -0.93
C ASP A 117 7.62 -6.18 -1.50
N TRP A 118 8.22 -7.11 -0.75
CA TRP A 118 8.24 -8.52 -1.14
C TRP A 118 6.90 -9.11 -0.69
N GLU A 119 6.16 -9.71 -1.61
CA GLU A 119 4.87 -10.31 -1.29
C GLU A 119 4.82 -11.80 -1.60
N TYR A 120 5.31 -12.65 -0.68
CA TYR A 120 5.80 -12.30 0.65
C TYR A 120 6.86 -13.33 1.03
N PRO A 121 7.76 -12.98 1.96
CA PRO A 121 8.74 -14.01 2.34
C PRO A 121 8.00 -15.13 3.09
N GLY A 122 8.36 -16.37 2.82
CA GLY A 122 7.77 -17.50 3.50
C GLY A 122 6.46 -18.04 2.98
N SER A 123 5.89 -17.38 1.98
CA SER A 123 4.63 -17.85 1.40
C SER A 123 4.70 -17.63 -0.10
N GLN A 124 3.63 -18.00 -0.79
CA GLN A 124 3.56 -17.77 -2.22
C GLN A 124 4.77 -18.22 -3.03
N GLY A 125 5.38 -19.33 -2.66
CA GLY A 125 6.52 -19.80 -3.43
C GLY A 125 7.84 -19.60 -2.75
N SER A 126 7.85 -18.76 -1.72
CA SER A 126 9.06 -18.48 -0.93
C SER A 126 9.07 -19.45 0.24
N PRO A 127 10.13 -20.25 0.38
CA PRO A 127 10.23 -21.20 1.49
C PRO A 127 10.32 -20.60 2.89
N ALA A 128 10.09 -21.42 3.91
CA ALA A 128 10.11 -20.96 5.31
C ALA A 128 11.38 -20.25 5.75
N VAL A 129 12.53 -20.75 5.28
CA VAL A 129 13.81 -20.15 5.66
C VAL A 129 13.90 -18.68 5.22
N ASP A 130 13.08 -18.28 4.25
CA ASP A 130 13.10 -16.87 3.81
C ASP A 130 12.62 -15.89 4.88
N LYS A 131 11.94 -16.38 5.92
CA LYS A 131 11.52 -15.52 7.02
C LYS A 131 12.80 -14.97 7.67
N GLU A 132 13.74 -15.84 8.03
CA GLU A 132 14.97 -15.40 8.66
C GLU A 132 15.91 -14.74 7.63
N ARG A 133 15.86 -15.16 6.37
CA ARG A 133 16.72 -14.53 5.37
C ARG A 133 16.23 -13.10 5.11
N PHE A 134 14.92 -12.85 5.23
CA PHE A 134 14.40 -11.49 5.07
C PHE A 134 14.94 -10.63 6.23
N THR A 135 14.99 -11.20 7.43
CA THR A 135 15.51 -10.46 8.57
C THR A 135 16.96 -10.06 8.30
N THR A 136 17.72 -10.99 7.73
CA THR A 136 19.12 -10.72 7.43
C THR A 136 19.23 -9.63 6.37
N LEU A 137 18.37 -9.69 5.35
CA LEU A 137 18.39 -8.67 4.31
C LEU A 137 18.12 -7.30 4.88
N VAL A 138 17.13 -7.20 5.76
CA VAL A 138 16.81 -5.93 6.38
C VAL A 138 18.00 -5.42 7.22
N GLN A 139 18.68 -6.30 7.94
CA GLN A 139 19.84 -5.92 8.74
C GLN A 139 20.96 -5.44 7.80
N ASP A 140 21.15 -6.16 6.69
CA ASP A 140 22.20 -5.82 5.71
C ASP A 140 22.00 -4.41 5.15
N LEU A 141 20.76 -4.12 4.75
CA LEU A 141 20.44 -2.80 4.22
C LEU A 141 20.56 -1.73 5.29
N ALA A 142 20.05 -2.00 6.49
CA ALA A 142 20.15 -1.02 7.55
C ALA A 142 21.61 -0.69 7.86
N ASN A 143 22.42 -1.74 8.01
CA ASN A 143 23.87 -1.62 8.32
C ASN A 143 24.51 -0.75 7.22
N ALA A 144 24.26 -1.12 5.96
CA ALA A 144 24.85 -0.42 4.82
C ALA A 144 24.45 1.03 4.70
N PHE A 145 23.17 1.32 4.91
CA PHE A 145 22.67 2.68 4.84
C PHE A 145 23.31 3.49 5.96
N GLN A 146 23.42 2.91 7.16
CA GLN A 146 24.03 3.67 8.25
C GLN A 146 25.50 3.97 7.92
N GLN A 147 26.19 2.98 7.39
CA GLN A 147 27.61 3.16 7.07
C GLN A 147 27.84 4.19 5.98
N GLU A 148 26.98 4.17 4.97
CA GLU A 148 27.14 5.12 3.88
C GLU A 148 26.93 6.54 4.39
N ALA A 149 25.99 6.73 5.32
CA ALA A 149 25.78 8.06 5.88
C ALA A 149 27.02 8.49 6.66
N GLN A 150 27.61 7.57 7.41
CA GLN A 150 28.78 7.91 8.20
C GLN A 150 29.97 8.26 7.30
N THR A 151 30.20 7.48 6.25
CA THR A 151 31.35 7.74 5.39
C THR A 151 31.20 8.89 4.40
N SER A 152 29.96 9.12 3.94
CA SER A 152 29.69 10.16 2.94
C SER A 152 29.23 11.50 3.51
N GLY A 153 28.73 11.49 4.73
CA GLY A 153 28.26 12.72 5.32
C GLY A 153 26.87 13.09 4.85
N LYS A 154 26.32 12.30 3.93
CA LYS A 154 24.97 12.56 3.40
C LYS A 154 23.90 12.09 4.40
N GLU A 155 22.69 12.59 4.22
CA GLU A 155 21.58 12.21 5.09
C GLU A 155 21.33 10.72 4.81
N ARG A 156 21.22 9.93 5.86
CA ARG A 156 21.01 8.49 5.72
C ARG A 156 19.81 8.11 4.88
N LEU A 157 20.01 7.12 3.99
CA LEU A 157 18.95 6.61 3.14
C LEU A 157 17.96 5.91 4.08
N LEU A 158 16.68 6.09 3.80
CA LEU A 158 15.61 5.50 4.60
C LEU A 158 15.32 4.08 4.16
N LEU A 159 14.81 3.27 5.09
CA LEU A 159 14.44 1.89 4.77
C LEU A 159 13.07 1.61 5.36
N SER A 160 12.12 1.26 4.50
CA SER A 160 10.79 0.93 5.00
C SER A 160 10.42 -0.38 4.36
N ALA A 161 9.28 -0.93 4.78
CA ALA A 161 8.78 -2.16 4.18
C ALA A 161 7.27 -2.10 4.21
N ALA A 162 6.64 -2.61 3.15
CA ALA A 162 5.18 -2.67 3.05
C ALA A 162 4.89 -4.09 3.52
N VAL A 163 4.04 -4.23 4.54
CA VAL A 163 3.77 -5.55 5.13
C VAL A 163 2.30 -5.93 5.15
N PRO A 164 2.02 -7.25 5.13
CA PRO A 164 0.64 -7.76 5.13
C PRO A 164 -0.08 -7.66 6.45
N ALA A 165 -1.41 -7.61 6.36
CA ALA A 165 -2.27 -7.55 7.52
C ALA A 165 -2.70 -8.96 7.97
N GLY A 166 -2.68 -9.89 7.01
CA GLY A 166 -3.13 -11.25 7.30
C GLY A 166 -2.20 -12.02 8.21
N GLN A 167 -2.73 -12.51 9.34
CA GLN A 167 -1.94 -13.25 10.32
C GLN A 167 -1.11 -14.40 9.71
N THR A 168 -1.68 -15.12 8.75
CA THR A 168 -0.95 -16.22 8.15
C THR A 168 0.30 -15.75 7.44
N TYR A 169 0.17 -14.71 6.63
CA TYR A 169 1.35 -14.16 5.94
C TYR A 169 2.31 -13.52 6.93
N VAL A 170 1.79 -12.86 7.96
CA VAL A 170 2.70 -12.26 8.94
C VAL A 170 3.50 -13.36 9.66
N ASP A 171 2.81 -14.42 10.06
CA ASP A 171 3.51 -15.48 10.78
C ASP A 171 4.50 -16.24 9.92
N ALA A 172 4.21 -16.35 8.64
CA ALA A 172 5.09 -17.10 7.75
C ALA A 172 6.36 -16.35 7.36
N GLY A 173 6.31 -15.04 7.31
CA GLY A 173 7.51 -14.40 6.85
C GLY A 173 8.17 -13.30 7.64
N TYR A 174 7.56 -12.85 8.73
CA TYR A 174 8.14 -11.73 9.43
C TYR A 174 8.49 -11.87 10.90
N GLU A 175 9.77 -11.68 11.23
CA GLU A 175 10.20 -11.67 12.64
C GLU A 175 10.00 -10.18 12.99
N VAL A 176 8.76 -9.86 13.35
CA VAL A 176 8.36 -8.48 13.59
C VAL A 176 9.22 -7.68 14.53
N ASP A 177 9.51 -8.25 15.70
CA ASP A 177 10.30 -7.57 16.72
C ASP A 177 11.73 -7.32 16.26
N LYS A 178 12.22 -8.14 15.35
CA LYS A 178 13.56 -7.98 14.84
C LYS A 178 13.59 -6.96 13.72
N ILE A 179 12.79 -7.14 12.67
CA ILE A 179 12.86 -6.18 11.59
C ILE A 179 12.42 -4.76 11.95
N ALA A 180 11.48 -4.63 12.89
CA ALA A 180 11.00 -3.30 13.27
C ALA A 180 12.11 -2.39 13.82
N GLN A 181 13.12 -2.97 14.45
CA GLN A 181 14.19 -2.12 14.99
C GLN A 181 15.08 -1.56 13.89
N ASN A 182 15.16 -2.25 12.77
CA ASN A 182 15.98 -1.80 11.64
C ASN A 182 15.25 -0.94 10.61
N LEU A 183 13.93 -1.07 10.52
CA LEU A 183 13.18 -0.27 9.57
C LEU A 183 12.88 1.12 10.13
N ASP A 184 12.94 2.14 9.27
CA ASP A 184 12.59 3.48 9.72
C ASP A 184 11.09 3.59 9.95
N PHE A 185 10.30 2.92 9.10
CA PHE A 185 8.86 2.87 9.28
C PHE A 185 8.32 1.64 8.57
N VAL A 186 7.12 1.21 8.99
CA VAL A 186 6.46 0.01 8.49
C VAL A 186 5.13 0.40 7.85
N ASN A 187 5.02 0.17 6.55
CA ASN A 187 3.80 0.53 5.83
C ASN A 187 2.84 -0.65 5.88
N LEU A 188 1.92 -0.60 6.83
CA LEU A 188 0.96 -1.69 7.02
C LEU A 188 -0.14 -1.68 5.94
N MET A 189 -0.23 -2.77 5.19
CA MET A 189 -1.24 -2.85 4.12
C MET A 189 -2.57 -3.22 4.75
N ALA A 190 -3.19 -2.22 5.38
CA ALA A 190 -4.46 -2.43 6.07
C ALA A 190 -5.64 -2.34 5.12
N TYR A 191 -5.63 -3.26 4.17
CA TYR A 191 -6.67 -3.35 3.17
C TYR A 191 -6.59 -4.74 2.52
N ASP A 192 -7.45 -5.02 1.54
CA ASP A 192 -7.54 -6.33 0.92
C ASP A 192 -7.94 -7.38 1.98
N PHE A 193 -8.73 -6.98 2.96
CA PHE A 193 -9.17 -7.91 4.00
C PHE A 193 -10.23 -8.85 3.44
N HIS A 194 -10.98 -8.36 2.46
CA HIS A 194 -12.03 -9.14 1.79
C HIS A 194 -12.00 -8.75 0.33
N GLY A 195 -12.48 -9.64 -0.53
CA GLY A 195 -12.48 -9.36 -1.95
C GLY A 195 -13.19 -10.49 -2.67
N SER A 196 -13.28 -10.36 -4.00
CA SER A 196 -14.01 -11.32 -4.82
C SER A 196 -13.51 -12.75 -4.76
N TRP A 197 -12.38 -12.97 -4.08
CA TRP A 197 -11.85 -14.32 -3.91
C TRP A 197 -12.61 -15.07 -2.84
N GLU A 198 -13.51 -14.37 -2.13
CA GLU A 198 -14.35 -15.00 -1.10
C GLU A 198 -15.74 -15.24 -1.69
N LYS A 199 -16.51 -16.16 -1.09
CA LYS A 199 -17.84 -16.50 -1.61
C LYS A 199 -18.99 -15.63 -1.13
N VAL A 200 -18.66 -14.59 -0.36
CA VAL A 200 -19.68 -13.66 0.12
C VAL A 200 -19.08 -12.27 0.10
N THR A 201 -19.94 -11.26 0.12
CA THR A 201 -19.48 -9.88 0.09
C THR A 201 -18.80 -9.56 1.41
N GLY A 202 -17.83 -8.65 1.36
CA GLY A 202 -17.12 -8.25 2.56
C GLY A 202 -16.38 -6.99 2.19
N HIS A 203 -16.08 -6.14 3.17
CA HIS A 203 -15.41 -4.86 2.88
C HIS A 203 -13.88 -4.97 2.78
N ASN A 204 -13.36 -4.26 1.81
CA ASN A 204 -11.92 -4.22 1.54
C ASN A 204 -11.10 -3.77 2.74
N SER A 205 -11.63 -2.84 3.52
CA SER A 205 -10.85 -2.27 4.60
C SER A 205 -11.72 -1.78 5.76
N PRO A 206 -12.39 -2.71 6.45
CA PRO A 206 -13.25 -2.32 7.58
C PRO A 206 -12.40 -1.99 8.80
N LEU A 207 -12.80 -0.98 9.56
CA LEU A 207 -12.02 -0.60 10.70
C LEU A 207 -12.09 -1.59 11.84
N TYR A 208 -13.29 -2.13 12.07
CA TYR A 208 -13.55 -3.09 13.15
C TYR A 208 -14.28 -4.28 12.58
N LYS A 209 -14.37 -5.33 13.38
CA LYS A 209 -15.11 -6.53 12.99
C LYS A 209 -16.61 -6.25 13.01
N ARG A 210 -17.38 -7.14 12.37
CA ARG A 210 -18.84 -7.07 12.38
C ARG A 210 -19.22 -7.88 13.60
N GLN A 211 -20.35 -7.55 14.22
CA GLN A 211 -20.79 -8.31 15.38
C GLN A 211 -20.80 -9.82 15.10
N GLU A 212 -21.29 -10.22 13.93
CA GLU A 212 -21.37 -11.64 13.57
C GLU A 212 -20.05 -12.41 13.42
N GLU A 213 -18.94 -11.70 13.28
CA GLU A 213 -17.63 -12.34 13.09
C GLU A 213 -16.91 -12.74 14.37
N SER A 214 -16.32 -13.94 14.36
CA SER A 214 -15.57 -14.46 15.51
C SER A 214 -14.43 -15.32 14.96
N GLY A 215 -13.54 -15.78 15.82
CA GLY A 215 -12.42 -16.59 15.38
C GLY A 215 -11.53 -15.87 14.39
N ALA A 216 -11.01 -16.62 13.43
CA ALA A 216 -10.14 -16.06 12.41
C ALA A 216 -10.78 -14.86 11.72
N ALA A 217 -12.09 -14.92 11.46
CA ALA A 217 -12.79 -13.84 10.78
C ALA A 217 -12.72 -12.51 11.52
N ALA A 218 -12.68 -12.60 12.84
CA ALA A 218 -12.63 -11.42 13.70
C ALA A 218 -11.32 -10.66 13.59
N SER A 219 -10.35 -11.23 12.86
CA SER A 219 -9.07 -10.55 12.70
C SER A 219 -8.97 -9.86 11.34
N LEU A 220 -10.03 -9.97 10.53
CA LEU A 220 -10.03 -9.35 9.22
C LEU A 220 -10.50 -7.91 9.24
N ASN A 221 -9.77 -7.06 9.95
CA ASN A 221 -10.13 -5.65 10.00
C ASN A 221 -8.89 -4.87 10.39
N VAL A 222 -8.93 -3.56 10.14
CA VAL A 222 -7.82 -2.68 10.44
C VAL A 222 -7.35 -2.74 11.87
N ASP A 223 -8.27 -2.59 12.81
CA ASP A 223 -7.91 -2.60 14.23
C ASP A 223 -7.16 -3.86 14.64
N ALA A 224 -7.64 -5.01 14.19
CA ALA A 224 -6.99 -6.27 14.53
C ALA A 224 -5.58 -6.32 13.96
N ALA A 225 -5.42 -5.80 12.74
CA ALA A 225 -4.11 -5.80 12.09
C ALA A 225 -3.12 -4.89 12.81
N VAL A 226 -3.59 -3.72 13.20
CA VAL A 226 -2.75 -2.79 13.94
C VAL A 226 -2.35 -3.41 15.28
N GLN A 227 -3.34 -3.92 16.01
CA GLN A 227 -3.03 -4.54 17.30
C GLN A 227 -2.00 -5.66 17.16
N GLN A 228 -2.10 -6.44 16.10
CA GLN A 228 -1.18 -7.54 15.83
C GLN A 228 0.26 -7.04 15.61
N TRP A 229 0.44 -6.05 14.75
CA TRP A 229 1.79 -5.56 14.50
C TRP A 229 2.39 -4.86 15.72
N LEU A 230 1.56 -4.19 16.52
CA LEU A 230 2.07 -3.51 17.72
C LEU A 230 2.43 -4.57 18.77
N GLN A 231 1.55 -5.54 18.94
CA GLN A 231 1.75 -6.60 19.93
C GLN A 231 2.99 -7.43 19.62
N LYS A 232 3.23 -7.65 18.33
CA LYS A 232 4.38 -8.44 17.92
C LYS A 232 5.69 -7.66 17.97
N GLY A 233 5.63 -6.40 18.40
CA GLY A 233 6.86 -5.64 18.55
C GLY A 233 7.15 -4.39 17.74
N THR A 234 6.19 -3.93 16.95
CA THR A 234 6.43 -2.74 16.17
C THR A 234 6.15 -1.51 17.01
N PRO A 235 7.14 -0.60 17.15
CA PRO A 235 6.92 0.62 17.93
C PRO A 235 5.78 1.37 17.23
N ALA A 236 4.83 1.89 18.00
CA ALA A 236 3.69 2.57 17.40
C ALA A 236 4.14 3.70 16.47
N SER A 237 5.15 4.46 16.90
CA SER A 237 5.63 5.56 16.09
C SER A 237 6.14 5.14 14.70
N LYS A 238 6.54 3.88 14.56
CA LYS A 238 7.02 3.37 13.27
C LYS A 238 5.92 2.75 12.43
N LEU A 239 4.77 2.45 13.04
CA LEU A 239 3.70 1.82 12.27
C LEU A 239 2.87 2.86 11.50
N ILE A 240 2.84 2.72 10.17
CA ILE A 240 2.13 3.67 9.32
C ILE A 240 0.89 2.96 8.81
N LEU A 241 -0.29 3.52 9.11
CA LEU A 241 -1.52 2.86 8.73
C LEU A 241 -1.94 3.02 7.26
N GLY A 242 -1.87 1.93 6.51
CA GLY A 242 -2.26 1.97 5.10
C GLY A 242 -3.75 2.22 4.88
N MET A 243 -4.06 3.04 3.87
CA MET A 243 -5.43 3.43 3.53
C MET A 243 -5.63 3.23 2.04
N PRO A 244 -6.72 2.56 1.64
CA PRO A 244 -6.99 2.33 0.22
C PRO A 244 -7.85 3.40 -0.45
N THR A 245 -7.44 3.89 -1.61
CA THR A 245 -8.26 4.85 -2.35
C THR A 245 -8.98 4.10 -3.47
N TYR A 246 -9.25 2.83 -3.23
CA TYR A 246 -9.96 1.97 -4.15
C TYR A 246 -10.87 1.06 -3.31
N GLY A 247 -11.81 0.42 -3.99
CA GLY A 247 -12.70 -0.50 -3.31
C GLY A 247 -12.64 -1.85 -3.98
N ARG A 248 -13.22 -2.85 -3.35
CA ARG A 248 -13.26 -4.18 -3.93
C ARG A 248 -14.70 -4.53 -4.23
N SER A 249 -14.92 -4.93 -5.49
CA SER A 249 -16.24 -5.23 -6.02
C SER A 249 -16.58 -6.70 -6.13
N PHE A 250 -17.89 -6.98 -6.10
CA PHE A 250 -18.43 -8.34 -6.20
C PHE A 250 -19.66 -8.38 -7.08
N THR A 251 -19.91 -9.54 -7.66
CA THR A 251 -21.15 -9.72 -8.41
C THR A 251 -21.97 -10.55 -7.43
N LEU A 252 -23.18 -10.07 -7.13
CA LEU A 252 -24.05 -10.71 -6.16
C LEU A 252 -24.78 -11.88 -6.78
N ALA A 253 -25.04 -12.91 -5.97
CA ALA A 253 -25.79 -14.07 -6.45
C ALA A 253 -27.20 -13.57 -6.73
N SER A 254 -27.66 -12.64 -5.91
CA SER A 254 -29.01 -12.10 -6.09
C SER A 254 -29.09 -10.62 -5.73
N SER A 255 -29.55 -9.80 -6.68
CA SER A 255 -29.68 -8.38 -6.43
C SER A 255 -30.63 -8.12 -5.25
N SER A 256 -31.39 -9.14 -4.87
CA SER A 256 -32.33 -8.99 -3.75
C SER A 256 -31.64 -9.14 -2.40
N ASP A 257 -30.39 -9.60 -2.39
CA ASP A 257 -29.63 -9.77 -1.16
C ASP A 257 -28.32 -9.00 -1.24
N THR A 258 -28.31 -7.81 -0.64
CA THR A 258 -27.14 -6.95 -0.70
C THR A 258 -26.43 -6.67 0.61
N ARG A 259 -26.64 -7.46 1.65
CA ARG A 259 -25.96 -7.10 2.88
C ARG A 259 -24.49 -7.49 2.83
N VAL A 260 -23.75 -7.10 3.86
CA VAL A 260 -22.35 -7.49 3.98
C VAL A 260 -22.43 -8.95 4.41
N GLY A 261 -21.85 -9.84 3.60
CA GLY A 261 -21.93 -11.25 3.95
C GLY A 261 -22.90 -11.96 3.04
N ALA A 262 -23.51 -11.23 2.09
CA ALA A 262 -24.46 -11.83 1.13
C ALA A 262 -23.72 -12.69 0.11
N PRO A 263 -24.38 -13.75 -0.38
CA PRO A 263 -23.72 -14.62 -1.37
C PRO A 263 -23.26 -13.85 -2.61
N ALA A 264 -22.03 -14.15 -3.05
CA ALA A 264 -21.43 -13.53 -4.23
C ALA A 264 -20.98 -14.63 -5.20
N THR A 265 -20.93 -14.31 -6.48
CA THR A 265 -20.53 -15.29 -7.50
C THR A 265 -19.15 -15.04 -8.11
N GLY A 266 -18.53 -13.92 -7.74
CA GLY A 266 -17.23 -13.60 -8.28
C GLY A 266 -16.97 -12.11 -8.24
N SER A 267 -15.97 -11.67 -9.00
CA SER A 267 -15.60 -10.27 -9.08
C SER A 267 -16.69 -9.41 -9.68
N GLY A 268 -16.65 -8.12 -9.33
CA GLY A 268 -17.63 -7.21 -9.90
C GLY A 268 -17.14 -6.83 -11.29
N THR A 269 -17.98 -6.12 -12.03
CA THR A 269 -17.64 -5.70 -13.38
C THR A 269 -16.41 -4.81 -13.39
N PRO A 270 -15.47 -5.02 -14.33
CA PRO A 270 -14.27 -4.18 -14.37
C PRO A 270 -14.64 -2.72 -14.53
N GLY A 271 -13.87 -1.84 -13.90
CA GLY A 271 -14.15 -0.42 -14.02
C GLY A 271 -13.77 0.05 -15.42
N PRO A 272 -14.42 1.10 -15.94
CA PRO A 272 -14.15 1.64 -17.27
C PRO A 272 -12.71 2.06 -17.51
N PHE A 273 -12.03 2.53 -16.46
CA PHE A 273 -10.66 3.00 -16.59
C PHE A 273 -9.59 2.06 -16.02
N THR A 274 -9.88 1.42 -14.88
CA THR A 274 -8.90 0.53 -14.27
C THR A 274 -8.88 -0.86 -14.86
N LYS A 275 -9.99 -1.22 -15.51
CA LYS A 275 -10.14 -2.49 -16.20
C LYS A 275 -9.56 -3.69 -15.46
N GLU A 276 -10.04 -3.89 -14.24
CA GLU A 276 -9.56 -4.99 -13.43
C GLU A 276 -10.72 -5.43 -12.54
N GLY A 277 -11.43 -6.46 -13.00
CA GLY A 277 -12.57 -6.96 -12.26
C GLY A 277 -12.20 -7.26 -10.82
N GLY A 278 -13.05 -6.82 -9.88
CA GLY A 278 -12.77 -7.06 -8.47
C GLY A 278 -12.32 -5.83 -7.73
N MET A 279 -11.89 -4.80 -8.46
CA MET A 279 -11.48 -3.53 -7.84
C MET A 279 -11.94 -2.36 -8.69
N LEU A 280 -12.10 -1.21 -8.05
CA LEU A 280 -12.52 0.01 -8.72
C LEU A 280 -11.81 1.16 -8.02
N ALA A 281 -11.38 2.15 -8.80
CA ALA A 281 -10.74 3.32 -8.23
C ALA A 281 -11.85 4.11 -7.55
N TYR A 282 -11.49 4.96 -6.60
CA TYR A 282 -12.49 5.78 -5.92
C TYR A 282 -13.27 6.58 -6.96
N TYR A 283 -12.58 7.07 -7.98
CA TYR A 283 -13.30 7.84 -9.00
C TYR A 283 -14.26 7.01 -9.83
N GLU A 284 -14.17 5.69 -9.70
CA GLU A 284 -15.07 4.81 -10.44
C GLU A 284 -16.31 4.40 -9.65
N VAL A 285 -16.33 4.67 -8.35
CA VAL A 285 -17.54 4.33 -7.57
C VAL A 285 -18.18 5.53 -6.90
N CYS A 286 -17.49 6.66 -6.86
CA CYS A 286 -18.04 7.82 -6.16
C CYS A 286 -19.19 8.54 -6.85
N SER A 287 -19.41 8.27 -8.12
CA SER A 287 -20.46 8.94 -8.86
C SER A 287 -21.52 8.07 -9.53
N TRP A 288 -21.74 6.87 -8.98
CA TRP A 288 -22.75 5.98 -9.53
C TRP A 288 -24.14 6.57 -9.42
N LYS A 289 -24.83 6.67 -10.54
CA LYS A 289 -26.20 7.17 -10.53
C LYS A 289 -27.06 5.91 -10.39
N GLY A 290 -28.14 6.00 -9.61
CA GLY A 290 -29.00 4.85 -9.43
C GLY A 290 -28.47 3.80 -8.48
N ALA A 291 -27.43 4.13 -7.72
CA ALA A 291 -26.86 3.18 -6.77
C ALA A 291 -27.37 3.48 -5.37
N THR A 292 -27.18 2.55 -4.46
CA THR A 292 -27.60 2.74 -3.09
C THR A 292 -26.37 2.61 -2.21
N LYS A 293 -26.07 3.68 -1.47
CA LYS A 293 -24.92 3.69 -0.56
C LYS A 293 -25.39 3.50 0.87
N GLN A 294 -24.67 2.66 1.60
CA GLN A 294 -24.99 2.40 3.00
C GLN A 294 -23.67 2.40 3.76
N ARG A 295 -23.73 2.46 5.08
CA ARG A 295 -22.52 2.41 5.88
C ARG A 295 -22.64 1.19 6.76
N ILE A 296 -21.55 0.45 6.90
CA ILE A 296 -21.56 -0.72 7.76
C ILE A 296 -21.36 -0.10 9.14
N GLN A 297 -22.42 -0.06 9.93
CA GLN A 297 -22.37 0.58 11.22
C GLN A 297 -21.28 0.19 12.20
N ASP A 298 -21.03 -1.11 12.37
CA ASP A 298 -19.99 -1.46 13.33
C ASP A 298 -18.59 -1.42 12.73
N GLN A 299 -18.48 -1.46 11.41
CA GLN A 299 -17.18 -1.42 10.76
C GLN A 299 -16.70 -0.03 10.35
N LYS A 300 -17.61 0.95 10.39
CA LYS A 300 -17.33 2.37 10.08
C LYS A 300 -16.87 2.69 8.68
N VAL A 301 -17.34 1.93 7.70
CA VAL A 301 -16.97 2.14 6.31
C VAL A 301 -18.18 1.94 5.42
N PRO A 302 -18.18 2.53 4.23
CA PRO A 302 -19.31 2.41 3.30
C PRO A 302 -19.22 1.37 2.21
N TYR A 303 -20.37 1.05 1.64
CA TYR A 303 -20.42 0.16 0.49
C TYR A 303 -21.56 0.69 -0.34
N ILE A 304 -21.59 0.28 -1.59
CA ILE A 304 -22.63 0.75 -2.47
C ILE A 304 -23.02 -0.39 -3.38
N PHE A 305 -24.29 -0.45 -3.76
CA PHE A 305 -24.72 -1.51 -4.63
C PHE A 305 -25.74 -1.00 -5.61
N ARG A 306 -25.77 -1.63 -6.78
CA ARG A 306 -26.73 -1.27 -7.82
C ARG A 306 -26.92 -2.56 -8.60
N ASP A 307 -28.16 -3.04 -8.66
CA ASP A 307 -28.46 -4.28 -9.36
C ASP A 307 -27.66 -5.41 -8.69
N ASN A 308 -26.88 -6.15 -9.46
CA ASN A 308 -26.10 -7.23 -8.85
C ASN A 308 -24.63 -6.86 -8.62
N GLN A 309 -24.35 -5.55 -8.55
CA GLN A 309 -22.96 -5.10 -8.31
C GLN A 309 -22.90 -4.53 -6.90
N TRP A 310 -21.85 -4.92 -6.17
CA TRP A 310 -21.70 -4.51 -4.78
C TRP A 310 -20.23 -4.12 -4.57
N VAL A 311 -19.97 -2.98 -3.95
CA VAL A 311 -18.56 -2.61 -3.73
C VAL A 311 -18.32 -1.94 -2.38
N GLY A 312 -17.31 -2.43 -1.67
CA GLY A 312 -16.92 -1.87 -0.40
C GLY A 312 -15.76 -0.93 -0.72
N PHE A 313 -15.84 0.31 -0.24
CA PHE A 313 -14.80 1.28 -0.55
C PHE A 313 -14.63 2.24 0.59
N ASP A 314 -13.71 3.20 0.45
CA ASP A 314 -13.50 4.20 1.48
C ASP A 314 -13.86 5.58 0.98
N ASP A 315 -14.48 6.37 1.84
CA ASP A 315 -14.84 7.73 1.47
C ASP A 315 -14.19 8.74 2.43
N VAL A 316 -14.51 10.01 2.24
CA VAL A 316 -13.92 11.04 3.10
C VAL A 316 -14.22 10.73 4.58
N GLU A 317 -15.46 10.35 4.87
CA GLU A 317 -15.85 10.05 6.23
C GLU A 317 -15.08 8.89 6.87
N SER A 318 -14.87 7.80 6.13
CA SER A 318 -14.15 6.67 6.72
C SER A 318 -12.66 7.02 6.89
N PHE A 319 -12.12 7.82 5.98
CA PHE A 319 -10.73 8.24 6.12
C PHE A 319 -10.60 9.13 7.36
N LYS A 320 -11.60 9.98 7.63
CA LYS A 320 -11.50 10.82 8.83
C LYS A 320 -11.54 9.92 10.05
N THR A 321 -12.40 8.90 10.02
CA THR A 321 -12.53 8.01 11.17
C THR A 321 -11.24 7.26 11.41
N LYS A 322 -10.61 6.82 10.34
CA LYS A 322 -9.37 6.07 10.45
C LYS A 322 -8.21 6.94 10.94
N VAL A 323 -8.22 8.23 10.59
CA VAL A 323 -7.13 9.08 11.10
C VAL A 323 -7.36 9.31 12.60
N SER A 324 -8.60 9.50 13.03
CA SER A 324 -8.87 9.67 14.46
C SER A 324 -8.33 8.43 15.18
N TYR A 325 -8.62 7.27 14.57
CA TYR A 325 -8.17 6.00 15.13
C TYR A 325 -6.66 5.87 15.26
N LEU A 326 -5.94 6.19 14.19
CA LEU A 326 -4.50 6.03 14.23
C LEU A 326 -3.89 6.99 15.25
N LYS A 327 -4.48 8.16 15.42
CA LYS A 327 -3.95 9.12 16.39
C LYS A 327 -4.15 8.59 17.80
N GLN A 328 -5.32 8.03 18.06
CA GLN A 328 -5.59 7.49 19.37
C GLN A 328 -4.65 6.34 19.69
N LYS A 329 -4.21 5.62 18.66
CA LYS A 329 -3.29 4.50 18.85
C LYS A 329 -1.81 4.94 18.86
N GLY A 330 -1.60 6.23 18.60
CA GLY A 330 -0.27 6.79 18.58
C GLY A 330 0.59 6.31 17.42
N LEU A 331 -0.05 6.00 16.29
CA LEU A 331 0.70 5.52 15.13
C LEU A 331 1.48 6.64 14.45
N GLY A 332 2.46 6.25 13.62
CA GLY A 332 3.32 7.21 12.94
C GLY A 332 2.74 8.03 11.83
N GLY A 333 1.57 7.63 11.32
CA GLY A 333 0.95 8.40 10.26
C GLY A 333 0.09 7.47 9.41
N ALA A 334 -0.20 7.92 8.18
CA ALA A 334 -1.01 7.15 7.24
C ALA A 334 -0.21 6.89 5.97
N MET A 335 -0.56 5.81 5.27
CA MET A 335 0.05 5.47 4.00
C MET A 335 -1.14 5.29 3.08
N VAL A 336 -0.95 5.57 1.79
CA VAL A 336 -2.04 5.46 0.84
C VAL A 336 -1.67 4.72 -0.42
N TRP A 337 -2.51 3.74 -0.78
CA TRP A 337 -2.38 3.01 -2.02
C TRP A 337 -3.69 3.36 -2.74
N ALA A 338 -3.67 4.20 -3.78
CA ALA A 338 -2.50 4.85 -4.35
C ALA A 338 -2.92 6.20 -4.90
N LEU A 339 -1.93 7.04 -5.19
CA LEU A 339 -2.22 8.38 -5.71
C LEU A 339 -3.18 8.38 -6.91
N ASP A 340 -2.93 7.48 -7.86
CA ASP A 340 -3.73 7.44 -9.07
C ASP A 340 -5.11 6.84 -8.97
N LEU A 341 -5.49 6.33 -7.79
CA LEU A 341 -6.81 5.71 -7.60
C LEU A 341 -7.75 6.68 -6.88
N ASP A 342 -7.20 7.71 -6.24
CA ASP A 342 -8.02 8.76 -5.63
C ASP A 342 -8.46 9.56 -6.87
N ASP A 343 -9.40 10.49 -6.72
CA ASP A 343 -9.83 11.31 -7.87
C ASP A 343 -8.79 12.44 -7.94
N PHE A 344 -7.60 12.08 -8.41
CA PHE A 344 -6.48 13.00 -8.49
C PHE A 344 -6.69 14.21 -9.36
N ALA A 345 -7.49 14.05 -10.41
CA ALA A 345 -7.74 15.18 -11.32
C ALA A 345 -9.07 15.86 -10.98
N GLY A 346 -9.77 15.32 -10.00
CA GLY A 346 -11.06 15.88 -9.60
C GLY A 346 -12.09 15.90 -10.71
N PHE A 347 -12.08 14.88 -11.54
CA PHE A 347 -13.01 14.80 -12.68
C PHE A 347 -14.28 14.00 -12.46
N SER A 348 -14.39 13.34 -11.31
CA SER A 348 -15.55 12.50 -11.11
C SER A 348 -16.35 12.66 -9.82
N CYS A 349 -15.66 12.86 -8.71
CA CYS A 349 -16.35 12.89 -7.43
C CYS A 349 -16.97 14.16 -6.91
N ASN A 350 -16.74 15.27 -7.60
CA ASN A 350 -17.30 16.57 -7.19
C ASN A 350 -16.78 16.97 -5.81
N GLN A 351 -15.56 16.57 -5.51
CA GLN A 351 -14.92 16.87 -4.22
C GLN A 351 -13.56 17.52 -4.43
N GLY A 352 -13.30 18.00 -5.63
CA GLY A 352 -12.02 18.65 -5.92
C GLY A 352 -10.91 17.64 -6.18
N ARG A 353 -9.67 18.09 -6.31
CA ARG A 353 -8.57 17.15 -6.57
C ARG A 353 -8.10 16.43 -5.32
N TYR A 354 -7.79 15.15 -5.48
CA TYR A 354 -7.32 14.35 -4.36
C TYR A 354 -8.23 14.46 -3.13
N PRO A 355 -9.55 14.26 -3.33
CA PRO A 355 -10.44 14.37 -2.17
C PRO A 355 -10.05 13.48 -0.96
N LEU A 356 -9.71 12.22 -1.21
CA LEU A 356 -9.36 11.33 -0.10
C LEU A 356 -8.00 11.64 0.52
N ILE A 357 -6.98 11.84 -0.31
CA ILE A 357 -5.66 12.07 0.26
C ILE A 357 -5.58 13.46 0.91
N GLN A 358 -6.27 14.45 0.34
CA GLN A 358 -6.27 15.78 0.96
C GLN A 358 -6.93 15.69 2.34
N THR A 359 -7.91 14.79 2.49
CA THR A 359 -8.56 14.59 3.79
C THR A 359 -7.50 14.06 4.76
N LEU A 360 -6.68 13.11 4.33
CA LEU A 360 -5.66 12.59 5.24
C LEU A 360 -4.69 13.72 5.65
N ARG A 361 -4.29 14.56 4.70
CA ARG A 361 -3.36 15.64 4.98
C ARG A 361 -3.92 16.63 5.99
N GLN A 362 -5.19 16.96 5.82
CA GLN A 362 -5.83 17.92 6.72
C GLN A 362 -6.04 17.33 8.10
N GLU A 363 -6.45 16.07 8.16
CA GLU A 363 -6.73 15.44 9.46
C GLU A 363 -5.45 15.12 10.23
N LEU A 364 -4.38 14.81 9.52
CA LEU A 364 -3.11 14.50 10.16
C LEU A 364 -2.42 15.75 10.68
N SER A 365 -2.35 16.75 9.93
#